data_7Q10
#
_entry.id   7Q10
#
_cell.length_a   89.004
_cell.length_b   103.122
_cell.length_c   64.555
_cell.angle_alpha   90.000
_cell.angle_beta   90.000
_cell.angle_gamma   90.000
#
_symmetry.space_group_name_H-M   'P 21 21 2'
#
loop_
_entity.id
_entity.type
_entity.pdbx_description
1 polymer 'Aminoglycoside N(3)-acetyltransferase III'
2 non-polymer GLYCEROL
3 non-polymer '3N methyl nemycin B'
4 non-polymer DI(HYDROXYETHYL)ETHER
5 non-polymer 'ACETATE ION'
6 non-polymer 'CHLORIDE ION'
7 water water
#
_entity_poly.entity_id   1
_entity_poly.type   'polypeptide(L)'
_entity_poly.pdbx_seq_one_letter_code
;MTDLNIPHTHAHLVDAFQALGIRAGQALMLHASVKAVGAVMGGPNVILQALMDALTPDGTLMMYAGWQDIPDFIDSLPDA
LKAVYLEQHPPFDPATARAVRENSVLAEFLRTWPCVHRSANPEASMVAVGRQAALLTANHALDYGYGVESPLAKLVAIEG
YVLMLGAPLDTITLLHHAEYLAKMRHKNVVRYPCPILRDGRKVWVTVEDYDTGDPHDDYSFEQIARDYVAQGGGTRGKVG
DADAYLFAAQDLTRFAVQWLESRFGDSAS
;
_entity_poly.pdbx_strand_id   A,B
#
loop_
_chem_comp.id
_chem_comp.type
_chem_comp.name
_chem_comp.formula
8I5 non-polymer '3N methyl nemycin B' 'C24 H48 N6 O13'
ACT non-polymer 'ACETATE ION' 'C2 H3 O2 -1'
CL non-polymer 'CHLORIDE ION' 'Cl -1'
GOL non-polymer GLYCEROL 'C3 H8 O3'
PEG non-polymer DI(HYDROXYETHYL)ETHER 'C4 H10 O3'
#
# COMPACT_ATOMS: atom_id res chain seq x y z
N MET A 1 -6.80 -12.24 -16.91
CA MET A 1 -7.91 -12.21 -15.95
C MET A 1 -8.01 -13.48 -15.12
N THR A 2 -8.73 -13.37 -14.00
CA THR A 2 -9.03 -14.50 -13.11
C THR A 2 -10.52 -14.46 -12.80
N ASP A 3 -11.23 -15.55 -13.09
CA ASP A 3 -12.68 -15.57 -12.90
C ASP A 3 -13.06 -15.72 -11.42
N LEU A 4 -14.27 -15.25 -11.10
CA LEU A 4 -14.77 -15.31 -9.74
C LEU A 4 -15.00 -16.77 -9.31
N ASN A 5 -15.02 -16.98 -8.00
CA ASN A 5 -15.16 -18.29 -7.40
C ASN A 5 -16.63 -18.67 -7.21
N ILE A 6 -16.87 -19.97 -7.08
CA ILE A 6 -18.13 -20.45 -6.48
C ILE A 6 -18.19 -19.96 -5.04
N PRO A 7 -19.32 -19.38 -4.59
CA PRO A 7 -19.26 -18.56 -3.37
C PRO A 7 -18.89 -19.38 -2.14
N HIS A 8 -18.02 -18.80 -1.31
CA HIS A 8 -17.57 -19.43 -0.08
C HIS A 8 -18.72 -19.58 0.90
N THR A 9 -18.77 -20.70 1.59
CA THR A 9 -19.90 -20.91 2.49
C THR A 9 -19.54 -20.43 3.89
N HIS A 10 -20.59 -20.20 4.68
CA HIS A 10 -20.40 -19.94 6.11
C HIS A 10 -19.47 -20.98 6.74
N ALA A 11 -19.75 -22.27 6.52
CA ALA A 11 -18.96 -23.33 7.16
C ALA A 11 -17.51 -23.30 6.72
N HIS A 12 -17.25 -23.02 5.45
N HIS A 12 -17.27 -23.08 5.42
CA HIS A 12 -15.87 -23.00 4.97
CA HIS A 12 -15.91 -22.94 4.89
C HIS A 12 -15.10 -21.78 5.47
C HIS A 12 -15.16 -21.85 5.64
N LEU A 13 -15.80 -20.69 5.79
CA LEU A 13 -15.14 -19.56 6.40
C LEU A 13 -14.85 -19.82 7.89
N VAL A 14 -15.78 -20.45 8.60
CA VAL A 14 -15.51 -20.86 9.98
C VAL A 14 -14.29 -21.78 10.03
N ASP A 15 -14.25 -22.78 9.16
CA ASP A 15 -13.09 -23.67 9.12
C ASP A 15 -11.81 -22.87 8.92
N ALA A 16 -11.81 -21.93 7.97
CA ALA A 16 -10.59 -21.17 7.68
C ALA A 16 -10.21 -20.28 8.84
N PHE A 17 -11.19 -19.62 9.48
CA PHE A 17 -10.89 -18.80 10.65
C PHE A 17 -10.25 -19.63 11.75
N GLN A 18 -10.83 -20.80 12.03
CA GLN A 18 -10.27 -21.68 13.06
C GLN A 18 -8.87 -22.16 12.66
N ALA A 19 -8.67 -22.50 11.39
CA ALA A 19 -7.36 -22.98 10.98
C ALA A 19 -6.30 -21.90 11.17
N LEU A 20 -6.70 -20.63 11.04
CA LEU A 20 -5.80 -19.51 11.23
C LEU A 20 -5.42 -19.33 12.69
N GLY A 21 -6.25 -19.79 13.60
CA GLY A 21 -5.97 -19.64 15.02
C GLY A 21 -7.04 -18.90 15.80
N ILE A 22 -8.18 -18.55 15.18
CA ILE A 22 -9.27 -17.94 15.93
C ILE A 22 -9.84 -18.95 16.91
N ARG A 23 -10.04 -18.53 18.16
CA ARG A 23 -10.48 -19.38 19.24
C ARG A 23 -11.69 -18.75 19.93
N ALA A 24 -12.49 -19.61 20.55
CA ALA A 24 -13.65 -19.15 21.30
C ALA A 24 -13.23 -18.14 22.36
N GLY A 25 -14.00 -17.07 22.49
CA GLY A 25 -13.81 -16.12 23.56
C GLY A 25 -12.79 -15.02 23.29
N GLN A 26 -12.06 -15.11 22.17
CA GLN A 26 -11.07 -14.08 21.87
C GLN A 26 -11.76 -12.74 21.61
N ALA A 27 -11.01 -11.67 21.81
CA ALA A 27 -11.45 -10.33 21.42
C ALA A 27 -10.59 -9.90 20.24
N LEU A 28 -11.24 -9.53 19.14
CA LEU A 28 -10.62 -9.37 17.83
C LEU A 28 -10.96 -7.99 17.29
N MET A 29 -9.96 -7.32 16.70
CA MET A 29 -10.23 -6.13 15.90
C MET A 29 -9.99 -6.56 14.45
N LEU A 30 -10.96 -6.32 13.57
CA LEU A 30 -10.89 -6.83 12.21
C LEU A 30 -10.61 -5.69 11.24
N HIS A 31 -9.67 -5.91 10.33
CA HIS A 31 -9.42 -5.03 9.18
C HIS A 31 -9.62 -5.87 7.94
N ALA A 32 -10.63 -5.55 7.14
CA ALA A 32 -10.98 -6.44 6.03
C ALA A 32 -11.19 -5.65 4.75
N SER A 33 -10.83 -6.27 3.62
CA SER A 33 -11.32 -5.85 2.32
C SER A 33 -12.27 -6.94 1.82
N VAL A 34 -13.55 -6.61 1.68
CA VAL A 34 -14.54 -7.62 1.34
C VAL A 34 -14.30 -8.21 -0.05
N LYS A 35 -13.93 -7.37 -1.03
CA LYS A 35 -13.67 -7.92 -2.37
C LYS A 35 -12.54 -8.95 -2.35
N ALA A 36 -11.55 -8.74 -1.47
CA ALA A 36 -10.39 -9.64 -1.37
C ALA A 36 -10.79 -11.05 -0.95
N VAL A 37 -11.84 -11.18 -0.14
CA VAL A 37 -12.31 -12.50 0.27
C VAL A 37 -12.96 -13.27 -0.88
N GLY A 38 -13.49 -12.55 -1.87
CA GLY A 38 -14.19 -13.22 -2.96
C GLY A 38 -15.66 -13.41 -2.63
N ALA A 39 -16.37 -13.96 -3.62
CA ALA A 39 -17.81 -14.17 -3.50
C ALA A 39 -18.14 -15.08 -2.33
N VAL A 40 -19.10 -14.67 -1.51
CA VAL A 40 -19.50 -15.38 -0.30
C VAL A 40 -20.97 -15.68 -0.39
N MET A 41 -21.35 -16.92 -0.04
CA MET A 41 -22.73 -17.33 -0.31
C MET A 41 -23.60 -16.70 0.77
N GLY A 42 -24.35 -15.65 0.39
CA GLY A 42 -25.09 -14.87 1.35
C GLY A 42 -24.58 -13.46 1.51
N GLY A 43 -23.47 -13.09 0.85
CA GLY A 43 -22.93 -11.76 0.91
C GLY A 43 -21.97 -11.50 2.07
N PRO A 44 -21.53 -10.25 2.19
CA PRO A 44 -20.48 -9.94 3.18
C PRO A 44 -20.89 -10.18 4.63
N ASN A 45 -22.19 -10.15 4.96
CA ASN A 45 -22.56 -10.39 6.36
C ASN A 45 -22.20 -11.80 6.81
N VAL A 46 -22.12 -12.74 5.88
CA VAL A 46 -21.76 -14.10 6.23
C VAL A 46 -20.34 -14.17 6.76
N ILE A 47 -19.44 -13.31 6.24
CA ILE A 47 -18.08 -13.19 6.80
C ILE A 47 -18.14 -12.92 8.30
N LEU A 48 -18.91 -11.90 8.68
CA LEU A 48 -19.08 -11.54 10.08
C LEU A 48 -19.76 -12.65 10.87
N GLN A 49 -20.83 -13.22 10.32
CA GLN A 49 -21.51 -14.32 10.99
C GLN A 49 -20.56 -15.49 11.22
N ALA A 50 -19.75 -15.84 10.21
CA ALA A 50 -18.79 -16.92 10.36
C ALA A 50 -17.76 -16.61 11.42
N LEU A 51 -17.23 -15.37 11.43
CA LEU A 51 -16.21 -15.00 12.40
C LEU A 51 -16.77 -15.04 13.82
N MET A 52 -17.97 -14.48 14.04
CA MET A 52 -18.62 -14.61 15.35
C MET A 52 -18.92 -16.06 15.71
N ASP A 53 -19.24 -16.91 14.73
CA ASP A 53 -19.41 -18.32 15.00
C ASP A 53 -18.10 -18.93 15.53
N ALA A 54 -16.97 -18.59 14.89
CA ALA A 54 -15.67 -19.03 15.38
C ALA A 54 -15.34 -18.46 16.76
N LEU A 55 -15.78 -17.23 17.05
CA LEU A 55 -15.48 -16.61 18.34
C LEU A 55 -16.44 -17.05 19.45
N THR A 56 -17.65 -17.54 19.09
CA THR A 56 -18.83 -17.79 19.93
C THR A 56 -19.39 -16.48 20.47
N PRO A 57 -20.59 -16.49 21.08
CA PRO A 57 -21.07 -15.29 21.78
C PRO A 57 -20.14 -14.79 22.90
N ASP A 58 -19.24 -15.65 23.42
CA ASP A 58 -18.27 -15.27 24.42
C ASP A 58 -17.12 -14.45 23.86
N GLY A 59 -16.99 -14.38 22.53
CA GLY A 59 -15.97 -13.58 21.89
C GLY A 59 -16.49 -12.18 21.57
N THR A 60 -15.58 -11.36 21.07
CA THR A 60 -15.85 -9.95 20.79
C THR A 60 -15.19 -9.57 19.47
N LEU A 61 -15.92 -8.81 18.65
CA LEU A 61 -15.45 -8.35 17.35
C LEU A 61 -15.60 -6.84 17.29
N MET A 62 -14.52 -6.13 16.94
CA MET A 62 -14.49 -4.68 16.87
C MET A 62 -13.93 -4.25 15.52
N MET A 63 -14.44 -3.12 15.01
CA MET A 63 -13.91 -2.59 13.76
C MET A 63 -13.82 -1.09 13.91
N TYR A 64 -12.85 -0.50 13.21
CA TYR A 64 -12.77 0.95 13.09
C TYR A 64 -13.89 1.48 12.21
N ALA A 65 -14.55 2.54 12.67
CA ALA A 65 -15.57 3.19 11.84
C ALA A 65 -15.24 4.64 11.51
N GLY A 66 -14.68 5.38 12.47
CA GLY A 66 -14.49 6.81 12.30
C GLY A 66 -15.79 7.49 11.94
N TRP A 67 -15.72 8.48 11.05
CA TRP A 67 -16.90 9.21 10.59
C TRP A 67 -16.56 9.82 9.24
N GLN A 68 -17.13 9.25 8.17
CA GLN A 68 -16.77 9.71 6.83
C GLN A 68 -16.97 11.20 6.67
N ASP A 69 -18.01 11.74 7.31
CA ASP A 69 -18.43 13.10 7.03
C ASP A 69 -17.97 14.10 8.08
N ILE A 70 -16.95 13.77 8.87
CA ILE A 70 -16.52 14.71 9.92
C ILE A 70 -16.07 16.02 9.28
N PRO A 71 -16.61 17.18 9.71
CA PRO A 71 -16.20 18.47 9.15
C PRO A 71 -14.97 19.05 9.86
N ASP A 72 -13.91 18.27 9.90
CA ASP A 72 -12.71 18.64 10.63
C ASP A 72 -11.82 19.58 9.83
N PHE A 73 -12.27 19.97 8.64
CA PHE A 73 -11.47 20.78 7.72
C PHE A 73 -11.94 22.22 7.65
N ILE A 74 -12.94 22.61 8.45
CA ILE A 74 -13.65 23.85 8.16
C ILE A 74 -12.86 25.10 8.54
N ASP A 75 -11.83 24.97 9.38
CA ASP A 75 -10.98 26.13 9.66
C ASP A 75 -10.26 26.62 8.42
N SER A 76 -10.03 25.75 7.45
CA SER A 76 -9.38 26.14 6.20
C SER A 76 -10.33 26.81 5.21
N LEU A 77 -11.66 26.88 5.52
CA LEU A 77 -12.62 27.48 4.60
C LEU A 77 -12.70 28.98 4.82
N PRO A 78 -13.09 29.74 3.80
CA PRO A 78 -13.32 31.18 4.01
C PRO A 78 -14.45 31.38 5.00
N ASP A 79 -14.57 32.60 5.51
CA ASP A 79 -15.46 32.84 6.65
C ASP A 79 -16.92 32.52 6.35
N ALA A 80 -17.41 32.88 5.16
CA ALA A 80 -18.83 32.69 4.90
C ALA A 80 -19.16 31.20 4.79
N LEU A 81 -18.33 30.46 4.06
CA LEU A 81 -18.53 29.02 3.95
C LEU A 81 -18.43 28.33 5.31
N LYS A 82 -17.42 28.69 6.11
CA LYS A 82 -17.34 28.11 7.45
C LYS A 82 -18.62 28.33 8.24
N ALA A 83 -19.19 29.54 8.18
CA ALA A 83 -20.41 29.84 8.91
C ALA A 83 -21.55 28.92 8.47
N VAL A 84 -21.62 28.64 7.16
CA VAL A 84 -22.63 27.71 6.64
C VAL A 84 -22.45 26.33 7.25
N TYR A 85 -21.20 25.84 7.30
CA TYR A 85 -20.95 24.53 7.91
C TYR A 85 -21.35 24.53 9.37
N LEU A 86 -20.99 25.60 10.09
CA LEU A 86 -21.29 25.68 11.51
C LEU A 86 -22.79 25.58 11.77
N GLU A 87 -23.59 26.11 10.86
CA GLU A 87 -25.04 26.11 11.09
C GLU A 87 -25.71 24.84 10.57
N GLN A 88 -25.28 24.36 9.40
CA GLN A 88 -26.02 23.35 8.65
C GLN A 88 -25.44 21.94 8.76
N HIS A 89 -24.16 21.78 9.08
CA HIS A 89 -23.61 20.44 9.07
C HIS A 89 -24.18 19.62 10.23
N PRO A 90 -24.57 18.37 10.01
CA PRO A 90 -25.14 17.55 11.09
C PRO A 90 -24.09 17.17 12.11
N PRO A 91 -24.50 16.92 13.35
CA PRO A 91 -23.57 16.44 14.38
C PRO A 91 -23.28 14.96 14.19
N PHE A 92 -22.21 14.48 14.82
CA PHE A 92 -21.95 13.05 14.89
C PHE A 92 -23.07 12.35 15.66
N ASP A 93 -23.81 11.49 14.98
CA ASP A 93 -24.82 10.67 15.62
C ASP A 93 -24.36 9.22 15.57
N PRO A 94 -24.01 8.60 16.70
CA PRO A 94 -23.50 7.22 16.65
C PRO A 94 -24.42 6.23 15.95
N ALA A 95 -25.73 6.48 15.93
CA ALA A 95 -26.63 5.53 15.30
C ALA A 95 -26.47 5.54 13.79
N THR A 96 -26.28 6.72 13.20
CA THR A 96 -26.40 6.85 11.75
C THR A 96 -25.15 7.36 11.06
N ALA A 97 -24.12 7.78 11.81
CA ALA A 97 -22.90 8.27 11.20
C ALA A 97 -22.22 7.18 10.40
N ARG A 98 -21.96 7.45 9.12
CA ARG A 98 -21.42 6.41 8.28
C ARG A 98 -19.91 6.28 8.48
N ALA A 99 -19.42 5.05 8.39
CA ALA A 99 -18.00 4.76 8.58
C ALA A 99 -17.19 5.32 7.42
N VAL A 100 -15.87 5.44 7.63
CA VAL A 100 -14.99 5.95 6.58
C VAL A 100 -15.10 5.12 5.29
N ARG A 101 -14.65 5.72 4.20
CA ARG A 101 -14.95 5.18 2.87
C ARG A 101 -14.28 3.82 2.63
N GLU A 102 -12.99 3.71 2.90
CA GLU A 102 -12.25 2.54 2.44
C GLU A 102 -12.25 1.40 3.46
N ASN A 103 -12.33 0.17 2.91
CA ASN A 103 -12.29 -1.10 3.66
C ASN A 103 -13.27 -1.13 4.83
N SER A 104 -14.49 -0.63 4.63
CA SER A 104 -15.41 -0.52 5.75
CA SER A 104 -15.43 -0.47 5.72
C SER A 104 -16.78 -1.15 5.50
N VAL A 105 -16.95 -1.89 4.40
CA VAL A 105 -18.23 -2.58 4.15
C VAL A 105 -18.66 -3.38 5.38
N LEU A 106 -17.72 -4.11 5.99
CA LEU A 106 -18.07 -4.94 7.13
C LEU A 106 -18.38 -4.09 8.37
N ALA A 107 -17.68 -2.96 8.54
CA ALA A 107 -18.05 -2.05 9.62
C ALA A 107 -19.49 -1.56 9.45
N GLU A 108 -19.89 -1.25 8.22
CA GLU A 108 -21.24 -0.78 8.00
C GLU A 108 -22.27 -1.89 8.25
N PHE A 109 -21.98 -3.12 7.84
CA PHE A 109 -22.84 -4.24 8.20
C PHE A 109 -22.96 -4.38 9.71
N LEU A 110 -21.82 -4.32 10.42
CA LEU A 110 -21.82 -4.48 11.88
C LEU A 110 -22.75 -3.46 12.54
N ARG A 111 -22.93 -2.29 11.92
CA ARG A 111 -23.83 -1.28 12.49
C ARG A 111 -25.31 -1.64 12.40
N THR A 112 -25.68 -2.60 11.57
CA THR A 112 -27.06 -3.07 11.56
C THR A 112 -27.27 -4.29 12.45
N TRP A 113 -26.21 -4.77 13.09
CA TRP A 113 -26.33 -5.93 13.96
C TRP A 113 -27.04 -5.54 15.24
N PRO A 114 -27.94 -6.38 15.74
CA PRO A 114 -28.47 -6.15 17.09
C PRO A 114 -27.33 -6.16 18.11
N CYS A 115 -27.48 -5.33 19.13
CA CYS A 115 -26.53 -5.27 20.24
C CYS A 115 -25.15 -4.78 19.81
N VAL A 116 -25.09 -3.97 18.74
CA VAL A 116 -23.84 -3.34 18.37
C VAL A 116 -23.61 -2.16 19.31
N HIS A 117 -22.34 -1.91 19.62
CA HIS A 117 -21.94 -0.76 20.43
C HIS A 117 -21.00 0.12 19.60
N ARG A 118 -21.15 1.44 19.73
CA ARG A 118 -20.28 2.39 19.03
C ARG A 118 -19.70 3.38 20.02
N SER A 119 -18.38 3.63 19.92
CA SER A 119 -17.71 4.53 20.86
C SER A 119 -17.99 5.99 20.51
N ALA A 120 -17.80 6.87 21.50
CA ALA A 120 -18.32 8.24 21.41
C ALA A 120 -17.45 9.18 20.58
N ASN A 121 -16.18 8.84 20.39
CA ASN A 121 -15.24 9.71 19.68
C ASN A 121 -15.50 9.68 18.18
N PRO A 122 -15.98 10.76 17.57
CA PRO A 122 -16.34 10.73 16.14
C PRO A 122 -15.21 10.31 15.23
N GLU A 123 -14.08 11.01 15.27
CA GLU A 123 -13.03 10.72 14.30
C GLU A 123 -12.42 9.35 14.53
N ALA A 124 -12.41 8.87 15.78
CA ALA A 124 -11.78 7.59 16.14
C ALA A 124 -12.80 6.50 16.48
N SER A 125 -14.06 6.68 16.07
N SER A 125 -14.06 6.67 16.08
CA SER A 125 -15.14 5.76 16.43
CA SER A 125 -15.13 5.81 16.58
C SER A 125 -14.80 4.32 16.12
C SER A 125 -14.98 4.37 16.12
N MET A 126 -15.12 3.44 17.05
CA MET A 126 -15.09 2.00 16.84
C MET A 126 -16.47 1.41 17.05
N VAL A 127 -16.74 0.32 16.32
CA VAL A 127 -17.98 -0.44 16.50
C VAL A 127 -17.60 -1.83 16.94
N ALA A 128 -18.45 -2.43 17.77
CA ALA A 128 -18.14 -3.76 18.30
C ALA A 128 -19.41 -4.53 18.61
N VAL A 129 -19.34 -5.86 18.47
CA VAL A 129 -20.39 -6.75 18.92
C VAL A 129 -19.74 -7.82 19.78
N GLY A 130 -20.50 -8.38 20.70
CA GLY A 130 -20.02 -9.51 21.46
C GLY A 130 -19.83 -9.19 22.93
N ARG A 131 -19.16 -10.11 23.60
CA ARG A 131 -19.12 -10.13 25.06
C ARG A 131 -18.55 -8.86 25.65
N GLN A 132 -17.47 -8.33 25.08
CA GLN A 132 -16.82 -7.15 25.62
C GLN A 132 -17.02 -5.92 24.72
N ALA A 133 -18.10 -5.91 23.94
CA ALA A 133 -18.38 -4.77 23.07
C ALA A 133 -18.59 -3.50 23.91
N ALA A 134 -19.39 -3.61 24.96
CA ALA A 134 -19.62 -2.46 25.83
C ALA A 134 -18.32 -2.02 26.49
N LEU A 135 -17.56 -2.97 27.04
CA LEU A 135 -16.31 -2.61 27.73
C LEU A 135 -15.37 -1.86 26.80
N LEU A 136 -15.11 -2.43 25.62
CA LEU A 136 -14.14 -1.85 24.69
C LEU A 136 -14.54 -0.44 24.24
N THR A 137 -15.84 -0.20 24.02
CA THR A 137 -16.28 1.08 23.45
C THR A 137 -16.63 2.13 24.49
N ALA A 138 -16.64 1.79 25.78
CA ALA A 138 -17.06 2.70 26.82
C ALA A 138 -16.07 3.85 27.02
N ASN A 139 -16.63 5.03 27.34
CA ASN A 139 -15.85 6.19 27.80
C ASN A 139 -14.66 6.49 26.89
N HIS A 140 -14.92 6.49 25.58
CA HIS A 140 -13.89 6.84 24.59
C HIS A 140 -13.74 8.36 24.60
N ALA A 141 -12.66 8.85 25.21
CA ALA A 141 -12.51 10.29 25.38
C ALA A 141 -12.45 11.00 24.03
N LEU A 142 -12.91 12.24 24.00
CA LEU A 142 -12.89 12.97 22.73
C LEU A 142 -11.49 13.42 22.35
N ASP A 143 -10.65 13.77 23.33
CA ASP A 143 -9.28 14.19 23.06
C ASP A 143 -8.34 13.00 23.05
N TYR A 144 -7.37 13.01 22.13
CA TYR A 144 -6.40 11.91 22.00
C TYR A 144 -7.12 10.57 21.85
N GLY A 145 -7.91 10.47 20.77
CA GLY A 145 -8.82 9.35 20.54
C GLY A 145 -8.15 8.01 20.29
N TYR A 146 -6.82 7.98 20.13
CA TYR A 146 -6.09 6.73 20.00
C TYR A 146 -5.17 6.48 21.20
N GLY A 147 -5.43 7.15 22.32
CA GLY A 147 -4.54 7.20 23.48
C GLY A 147 -4.99 6.30 24.60
N VAL A 148 -4.76 6.75 25.85
CA VAL A 148 -4.97 5.88 27.01
C VAL A 148 -6.45 5.56 27.22
N GLU A 149 -7.35 6.45 26.79
CA GLU A 149 -8.78 6.30 27.02
C GLU A 149 -9.50 5.80 25.77
N SER A 150 -8.89 4.89 25.03
CA SER A 150 -9.40 4.51 23.73
C SER A 150 -9.79 3.04 23.71
N PRO A 151 -10.58 2.61 22.72
CA PRO A 151 -10.83 1.17 22.59
C PRO A 151 -9.57 0.41 22.22
N LEU A 152 -8.63 1.06 21.55
CA LEU A 152 -7.36 0.43 21.22
C LEU A 152 -6.58 0.09 22.48
N ALA A 153 -6.51 1.04 23.42
CA ALA A 153 -5.84 0.78 24.69
C ALA A 153 -6.48 -0.40 25.42
N LYS A 154 -7.82 -0.42 25.46
CA LYS A 154 -8.51 -1.51 26.15
C LYS A 154 -8.28 -2.85 25.44
N LEU A 155 -8.26 -2.85 24.09
CA LEU A 155 -7.98 -4.09 23.36
C LEU A 155 -6.62 -4.66 23.75
N VAL A 156 -5.62 -3.80 23.85
CA VAL A 156 -4.30 -4.25 24.28
C VAL A 156 -4.35 -4.79 25.69
N ALA A 157 -5.06 -4.08 26.58
CA ALA A 157 -5.09 -4.45 27.99
C ALA A 157 -5.79 -5.79 28.23
N ILE A 158 -6.78 -6.15 27.42
CA ILE A 158 -7.45 -7.44 27.61
C ILE A 158 -6.81 -8.48 26.71
N GLU A 159 -5.66 -8.14 26.13
CA GLU A 159 -4.88 -9.05 25.27
C GLU A 159 -5.72 -9.60 24.13
N GLY A 160 -6.31 -8.68 23.38
CA GLY A 160 -7.00 -9.02 22.16
C GLY A 160 -6.06 -9.22 20.98
N TYR A 161 -6.66 -9.32 19.81
CA TYR A 161 -5.96 -9.66 18.59
C TYR A 161 -6.40 -8.73 17.47
N VAL A 162 -5.56 -8.63 16.44
CA VAL A 162 -5.89 -7.93 15.20
C VAL A 162 -5.91 -8.96 14.08
N LEU A 163 -7.03 -9.00 13.35
CA LEU A 163 -7.22 -9.91 12.22
C LEU A 163 -7.20 -9.11 10.93
N MET A 164 -6.26 -9.42 10.04
CA MET A 164 -6.18 -8.77 8.74
C MET A 164 -6.82 -9.72 7.72
N LEU A 165 -7.84 -9.23 7.02
CA LEU A 165 -8.55 -10.01 6.00
C LEU A 165 -8.39 -9.32 4.65
N GLY A 166 -7.19 -9.42 4.07
CA GLY A 166 -6.96 -8.89 2.75
C GLY A 166 -6.85 -7.38 2.67
N ALA A 167 -6.73 -6.71 3.77
CA ALA A 167 -6.51 -5.29 3.92
C ALA A 167 -5.01 -4.99 4.07
N PRO A 168 -4.52 -3.87 3.54
CA PRO A 168 -3.09 -3.58 3.66
C PRO A 168 -2.71 -3.35 5.12
N LEU A 169 -1.53 -3.83 5.49
CA LEU A 169 -1.12 -3.76 6.88
C LEU A 169 -1.00 -2.32 7.38
N ASP A 170 -0.81 -1.35 6.50
CA ASP A 170 -0.68 0.00 7.01
C ASP A 170 -2.01 0.62 7.41
N THR A 171 -3.12 -0.09 7.25
CA THR A 171 -4.41 0.41 7.74
C THR A 171 -4.71 -0.05 9.15
N ILE A 172 -3.74 -0.65 9.85
CA ILE A 172 -3.93 -1.10 11.22
C ILE A 172 -4.02 0.13 12.14
N THR A 173 -5.25 0.43 12.57
CA THR A 173 -5.51 1.60 13.42
C THR A 173 -4.73 1.54 14.72
N LEU A 174 -4.51 0.33 15.24
CA LEU A 174 -3.70 0.16 16.45
C LEU A 174 -2.35 0.86 16.37
N LEU A 175 -1.78 1.01 15.17
CA LEU A 175 -0.49 1.69 15.06
C LEU A 175 -0.56 3.16 15.46
N HIS A 176 -1.74 3.78 15.39
CA HIS A 176 -1.90 5.14 15.92
C HIS A 176 -1.82 5.15 17.43
N HIS A 177 -2.18 4.05 18.08
CA HIS A 177 -2.02 3.93 19.52
C HIS A 177 -0.55 3.79 19.88
N ALA A 178 0.21 3.09 19.04
CA ALA A 178 1.65 3.05 19.21
C ALA A 178 2.26 4.44 19.09
N GLU A 179 1.84 5.22 18.07
CA GLU A 179 2.33 6.58 17.95
C GLU A 179 2.05 7.40 19.20
N TYR A 180 0.86 7.20 19.79
CA TYR A 180 0.51 7.95 20.98
C TYR A 180 1.44 7.60 22.14
N LEU A 181 1.69 6.30 22.33
CA LEU A 181 2.46 5.83 23.49
C LEU A 181 3.95 6.14 23.36
N ALA A 182 4.48 6.21 22.13
CA ALA A 182 5.92 6.28 21.92
C ALA A 182 6.45 7.66 22.29
N LYS A 183 7.60 7.67 22.96
CA LYS A 183 8.25 8.93 23.31
C LYS A 183 9.15 9.29 22.14
N MET A 184 8.79 10.34 21.40
CA MET A 184 9.47 10.67 20.15
C MET A 184 9.89 12.14 20.14
N ARG A 185 10.91 12.43 19.34
CA ARG A 185 11.53 13.74 19.36
C ARG A 185 10.62 14.81 18.77
N HIS A 186 9.68 14.43 17.92
CA HIS A 186 8.75 15.42 17.38
C HIS A 186 7.37 14.79 17.25
N LYS A 187 6.37 15.50 17.75
CA LYS A 187 4.97 15.13 17.58
C LYS A 187 4.19 16.35 17.11
N ASN A 188 3.24 16.13 16.20
CA ASN A 188 2.28 17.15 15.77
C ASN A 188 1.01 17.01 16.59
N VAL A 189 0.55 18.12 17.17
CA VAL A 189 -0.69 18.17 17.95
C VAL A 189 -1.66 19.08 17.21
N VAL A 190 -2.88 18.59 16.98
CA VAL A 190 -3.90 19.38 16.24
C VAL A 190 -5.12 19.67 17.11
N TYR A 192 -9.07 20.67 16.27
CA TYR A 192 -10.02 20.82 15.17
C TYR A 192 -11.48 20.79 15.68
N PRO A 193 -12.39 21.44 14.95
CA PRO A 193 -13.79 21.50 15.41
C PRO A 193 -14.54 20.23 15.02
N CYS A 194 -15.58 19.94 15.79
CA CYS A 194 -16.42 18.79 15.53
C CYS A 194 -17.79 18.99 16.15
N PRO A 195 -18.87 18.80 15.39
CA PRO A 195 -20.22 18.82 15.97
C PRO A 195 -20.60 17.47 16.55
N ILE A 196 -21.11 17.48 17.78
CA ILE A 196 -21.52 16.27 18.47
C ILE A 196 -22.93 16.50 19.02
N LEU A 197 -23.47 15.46 19.65
CA LEU A 197 -24.76 15.53 20.32
C LEU A 197 -24.53 15.49 21.82
N ARG A 198 -25.10 16.46 22.53
CA ARG A 198 -25.05 16.50 23.98
C ARG A 198 -26.44 16.81 24.49
N ASP A 199 -27.00 15.92 25.32
CA ASP A 199 -28.40 15.99 25.72
C ASP A 199 -29.30 16.23 24.51
N GLY A 200 -29.03 15.52 23.42
CA GLY A 200 -29.86 15.54 22.24
C GLY A 200 -29.77 16.78 21.36
N ARG A 201 -28.86 17.71 21.66
CA ARG A 201 -28.70 18.92 20.85
C ARG A 201 -27.31 18.96 20.24
N LYS A 202 -27.22 19.51 19.03
CA LYS A 202 -25.93 19.69 18.38
C LYS A 202 -25.13 20.76 19.12
N VAL A 203 -23.89 20.42 19.47
CA VAL A 203 -22.95 21.39 20.00
C VAL A 203 -21.62 21.20 19.29
N TRP A 204 -20.96 22.29 18.96
CA TRP A 204 -19.64 22.24 18.37
C TRP A 204 -18.61 22.20 19.49
N VAL A 205 -17.65 21.29 19.39
CA VAL A 205 -16.54 21.25 20.33
C VAL A 205 -15.25 21.30 19.54
N THR A 206 -14.16 21.62 20.24
CA THR A 206 -12.82 21.49 19.68
C THR A 206 -12.20 20.23 20.24
N VAL A 207 -11.70 19.37 19.35
CA VAL A 207 -11.03 18.14 19.72
C VAL A 207 -9.55 18.38 19.61
N GLU A 208 -8.78 17.91 20.60
CA GLU A 208 -7.33 17.94 20.52
C GLU A 208 -6.81 16.52 20.38
N ASP A 209 -5.88 16.32 19.46
CA ASP A 209 -5.36 14.98 19.22
C ASP A 209 -3.97 15.12 18.63
N TYR A 210 -3.24 14.02 18.62
CA TYR A 210 -2.09 13.94 17.74
C TYR A 210 -2.60 13.91 16.30
N ASP A 211 -1.88 14.56 15.40
CA ASP A 211 -2.19 14.41 13.99
C ASP A 211 -2.12 12.93 13.59
N THR A 212 -3.20 12.40 13.01
CA THR A 212 -3.18 11.03 12.50
C THR A 212 -3.29 10.95 11.00
N GLY A 213 -3.11 12.07 10.30
CA GLY A 213 -3.15 12.06 8.84
C GLY A 213 -1.76 11.95 8.27
N ASP A 214 -0.81 12.59 8.91
CA ASP A 214 0.58 12.61 8.56
C ASP A 214 1.39 11.93 9.66
N PRO A 215 2.49 11.25 9.34
CA PRO A 215 3.36 10.71 10.39
C PRO A 215 4.12 11.82 11.12
N HIS A 216 4.52 11.52 12.36
CA HIS A 216 5.23 12.50 13.20
C HIS A 216 6.68 12.65 12.80
N ASP A 217 7.20 11.75 11.97
CA ASP A 217 8.60 11.73 11.56
C ASP A 217 8.73 10.93 10.27
N ASP A 218 9.97 10.58 9.92
CA ASP A 218 10.29 9.89 8.67
C ASP A 218 10.03 8.39 8.81
N TYR A 219 8.76 8.02 8.71
CA TYR A 219 8.34 6.62 8.72
C TYR A 219 6.98 6.49 8.07
N SER A 220 6.58 5.25 7.83
CA SER A 220 5.26 4.90 7.33
C SER A 220 4.77 3.68 8.07
N PHE A 221 3.45 3.57 8.21
CA PHE A 221 2.90 2.39 8.88
C PHE A 221 3.26 1.12 8.12
N GLU A 222 3.35 1.20 6.79
CA GLU A 222 3.76 0.03 6.02
C GLU A 222 5.11 -0.50 6.51
N GLN A 223 6.07 0.41 6.72
CA GLN A 223 7.40 0.02 7.19
C GLN A 223 7.33 -0.77 8.49
N ILE A 224 6.63 -0.23 9.50
CA ILE A 224 6.56 -0.91 10.79
C ILE A 224 5.95 -2.30 10.65
N ALA A 225 4.81 -2.39 9.97
CA ALA A 225 4.11 -3.67 9.88
C ALA A 225 4.94 -4.70 9.11
N ARG A 226 5.47 -4.31 7.95
CA ARG A 226 6.31 -5.20 7.18
C ARG A 226 7.52 -5.66 7.98
N ASP A 227 8.15 -4.75 8.74
CA ASP A 227 9.20 -5.14 9.68
C ASP A 227 8.68 -6.12 10.73
N TYR A 228 7.41 -5.98 11.14
CA TYR A 228 6.86 -6.88 12.17
C TYR A 228 6.64 -8.28 11.62
N VAL A 229 6.03 -8.39 10.43
CA VAL A 229 5.85 -9.70 9.82
C VAL A 229 7.19 -10.36 9.57
N ALA A 230 8.18 -9.57 9.13
CA ALA A 230 9.48 -10.12 8.78
C ALA A 230 10.17 -10.78 9.96
N GLN A 231 9.88 -10.34 11.18
CA GLN A 231 10.52 -10.87 12.37
C GLN A 231 9.70 -11.97 13.04
N GLY A 232 8.69 -12.51 12.35
CA GLY A 232 7.89 -13.59 12.88
C GLY A 232 6.58 -13.19 13.53
N GLY A 233 6.21 -11.92 13.52
CA GLY A 233 4.97 -11.53 14.16
C GLY A 233 3.73 -12.12 13.52
N GLY A 234 2.85 -12.73 14.33
CA GLY A 234 1.56 -13.16 13.86
C GLY A 234 1.57 -14.53 13.17
N THR A 235 0.37 -15.00 12.85
CA THR A 235 0.17 -16.19 12.04
C THR A 235 -0.48 -15.82 10.71
N ARG A 236 -0.32 -16.69 9.72
CA ARG A 236 -0.74 -16.45 8.34
C ARG A 236 -1.61 -17.59 7.87
N GLY A 237 -2.54 -17.29 6.95
CA GLY A 237 -3.37 -18.32 6.36
C GLY A 237 -4.39 -17.71 5.43
N LYS A 238 -4.97 -18.57 4.60
CA LYS A 238 -6.00 -18.16 3.65
C LYS A 238 -7.38 -18.17 4.31
N VAL A 239 -8.16 -17.14 4.00
CA VAL A 239 -9.56 -17.06 4.38
C VAL A 239 -10.33 -16.67 3.13
N GLY A 240 -11.10 -17.60 2.59
CA GLY A 240 -11.68 -17.36 1.27
C GLY A 240 -10.56 -17.19 0.28
N ASP A 241 -10.67 -16.18 -0.57
CA ASP A 241 -9.57 -15.86 -1.48
C ASP A 241 -8.52 -14.94 -0.85
N ALA A 242 -8.70 -14.52 0.39
CA ALA A 242 -7.85 -13.48 0.96
C ALA A 242 -6.68 -14.09 1.73
N ASP A 243 -5.53 -13.43 1.67
CA ASP A 243 -4.44 -13.78 2.57
C ASP A 243 -4.67 -13.06 3.89
N ALA A 244 -4.68 -13.82 4.98
CA ALA A 244 -5.05 -13.32 6.30
C ALA A 244 -3.86 -13.34 7.25
N TYR A 245 -3.84 -12.39 8.17
CA TYR A 245 -2.83 -12.32 9.23
C TYR A 245 -3.53 -12.21 10.57
N LEU A 246 -3.00 -12.88 11.61
CA LEU A 246 -3.56 -12.77 12.96
C LEU A 246 -2.45 -12.37 13.94
N PHE A 247 -2.60 -11.20 14.56
CA PHE A 247 -1.61 -10.60 15.44
C PHE A 247 -2.17 -10.44 16.85
N ALA A 248 -1.31 -10.71 17.85
CA ALA A 248 -1.60 -10.31 19.21
C ALA A 248 -1.45 -8.79 19.35
N ALA A 249 -2.51 -8.11 19.79
CA ALA A 249 -2.51 -6.65 19.92
C ALA A 249 -1.36 -6.14 20.78
N GLN A 250 -1.14 -6.78 21.94
CA GLN A 250 -0.11 -6.32 22.85
C GLN A 250 1.29 -6.45 22.24
N ASP A 251 1.56 -7.59 21.59
CA ASP A 251 2.86 -7.78 20.94
C ASP A 251 3.11 -6.74 19.85
N LEU A 252 2.15 -6.57 18.94
CA LEU A 252 2.32 -5.58 17.88
C LEU A 252 2.50 -4.18 18.46
N THR A 253 1.70 -3.82 19.47
CA THR A 253 1.85 -2.51 20.07
C THR A 253 3.25 -2.34 20.63
N ARG A 254 3.70 -3.31 21.44
CA ARG A 254 5.06 -3.28 21.99
C ARG A 254 6.10 -3.14 20.88
N PHE A 255 6.00 -3.98 19.85
CA PHE A 255 6.96 -3.90 18.75
C PHE A 255 6.98 -2.51 18.12
N ALA A 256 5.79 -1.96 17.84
CA ALA A 256 5.72 -0.67 17.14
C ALA A 256 6.24 0.46 18.01
N VAL A 257 5.96 0.45 19.31
CA VAL A 257 6.50 1.50 20.17
C VAL A 257 8.03 1.40 20.22
N GLN A 258 8.56 0.20 20.40
CA GLN A 258 10.02 0.03 20.35
C GLN A 258 10.58 0.47 19.01
N TRP A 259 9.88 0.15 17.92
CA TRP A 259 10.33 0.55 16.58
C TRP A 259 10.44 2.06 16.49
N LEU A 260 9.40 2.76 16.93
CA LEU A 260 9.39 4.22 16.85
C LEU A 260 10.42 4.85 17.78
N GLU A 261 10.55 4.33 19.00
CA GLU A 261 11.45 4.93 19.96
C GLU A 261 12.91 4.66 19.61
N SER A 262 13.20 3.53 18.96
CA SER A 262 14.60 3.26 18.66
C SER A 262 15.09 4.13 17.53
N ARG A 263 14.19 4.64 16.70
CA ARG A 263 14.54 5.49 15.56
C ARG A 263 14.41 6.98 15.87
N PHE A 264 13.40 7.37 16.64
CA PHE A 264 13.11 8.78 16.87
C PHE A 264 12.92 9.09 18.35
N GLY A 265 13.23 8.15 19.24
CA GLY A 265 12.90 8.28 20.64
C GLY A 265 14.10 8.72 21.46
N ASP A 266 13.89 8.73 22.78
CA ASP A 266 14.94 9.17 23.70
C ASP A 266 16.00 8.11 23.87
N SER A 267 15.88 6.98 23.16
CA SER A 267 16.84 5.87 23.16
C SER A 267 17.52 5.72 21.81
N ALA A 268 17.42 6.72 20.95
CA ALA A 268 17.97 6.62 19.60
C ALA A 268 19.45 6.97 19.59
N ILE B 6 18.01 -29.38 -4.90
CA ILE B 6 17.77 -29.17 -6.33
C ILE B 6 17.32 -27.73 -6.61
N PRO B 7 18.27 -26.87 -6.97
CA PRO B 7 17.88 -25.50 -7.37
C PRO B 7 17.04 -25.53 -8.64
N HIS B 8 16.21 -24.50 -8.79
CA HIS B 8 15.33 -24.43 -9.95
C HIS B 8 16.13 -24.39 -11.24
N THR B 9 15.75 -25.23 -12.19
CA THR B 9 16.43 -25.27 -13.48
C THR B 9 15.81 -24.25 -14.44
N HIS B 10 16.60 -23.85 -15.43
CA HIS B 10 16.12 -23.07 -16.56
C HIS B 10 14.76 -23.58 -17.04
N ALA B 11 14.67 -24.88 -17.35
CA ALA B 11 13.43 -25.45 -17.89
C ALA B 11 12.27 -25.33 -16.91
N HIS B 12 12.53 -25.59 -15.62
CA HIS B 12 11.49 -25.45 -14.61
C HIS B 12 10.90 -24.04 -14.60
N LEU B 13 11.76 -23.03 -14.75
CA LEU B 13 11.31 -21.65 -14.71
C LEU B 13 10.58 -21.27 -15.99
N VAL B 14 11.07 -21.73 -17.14
CA VAL B 14 10.35 -21.52 -18.40
C VAL B 14 8.93 -22.03 -18.28
N ASP B 15 8.77 -23.27 -17.79
CA ASP B 15 7.43 -23.86 -17.70
C ASP B 15 6.54 -23.09 -16.73
N ALA B 16 7.11 -22.62 -15.61
CA ALA B 16 6.35 -21.79 -14.68
C ALA B 16 5.96 -20.46 -15.32
N PHE B 17 6.86 -19.86 -16.11
CA PHE B 17 6.50 -18.61 -16.76
C PHE B 17 5.36 -18.81 -17.73
N GLN B 18 5.38 -19.92 -18.48
CA GLN B 18 4.32 -20.15 -19.45
C GLN B 18 3.02 -20.53 -18.75
N ALA B 19 3.10 -21.32 -17.67
CA ALA B 19 1.90 -21.63 -16.90
C ALA B 19 1.22 -20.36 -16.42
N LEU B 20 2.01 -19.36 -16.03
CA LEU B 20 1.49 -18.09 -15.58
C LEU B 20 0.85 -17.28 -16.70
N GLY B 21 1.25 -17.52 -17.94
CA GLY B 21 0.65 -16.82 -19.06
C GLY B 21 1.64 -16.03 -19.90
N ILE B 22 2.95 -16.16 -19.64
CA ILE B 22 3.96 -15.58 -20.52
C ILE B 22 3.93 -16.28 -21.87
N ARG B 23 3.98 -15.50 -22.95
CA ARG B 23 3.89 -16.03 -24.31
C ARG B 23 4.92 -15.35 -25.22
N ALA B 24 5.28 -16.06 -26.29
CA ALA B 24 6.22 -15.55 -27.29
C ALA B 24 5.76 -14.19 -27.83
N GLY B 25 6.70 -13.25 -27.95
CA GLY B 25 6.43 -11.96 -28.55
C GLY B 25 5.92 -10.89 -27.61
N GLN B 26 5.52 -11.24 -26.38
CA GLN B 26 5.05 -10.25 -25.42
C GLN B 26 6.15 -9.26 -25.05
N ALA B 27 5.75 -8.01 -24.76
CA ALA B 27 6.63 -7.03 -24.14
C ALA B 27 6.30 -6.96 -22.66
N LEU B 28 7.31 -7.14 -21.81
CA LEU B 28 7.03 -7.37 -20.40
C LEU B 28 7.95 -6.48 -19.58
N MET B 29 7.40 -5.82 -18.55
CA MET B 29 8.19 -5.18 -17.49
C MET B 29 8.29 -6.11 -16.29
N LEU B 30 9.51 -6.37 -15.82
CA LEU B 30 9.71 -7.30 -14.72
C LEU B 30 10.01 -6.57 -13.40
N HIS B 31 9.35 -7.00 -12.32
CA HIS B 31 9.65 -6.59 -10.95
C HIS B 31 9.90 -7.87 -10.15
N ALA B 32 11.13 -8.05 -9.65
CA ALA B 32 11.47 -9.34 -9.07
C ALA B 32 12.18 -9.18 -7.74
N SER B 33 12.02 -10.19 -6.88
CA SER B 33 12.88 -10.36 -5.72
C SER B 33 13.60 -11.70 -5.89
N VAL B 34 14.91 -11.64 -6.13
CA VAL B 34 15.68 -12.87 -6.38
C VAL B 34 15.62 -13.79 -5.18
N LYS B 35 15.63 -13.21 -3.97
CA LYS B 35 15.50 -14.02 -2.77
C LYS B 35 14.21 -14.83 -2.78
N ALA B 36 13.10 -14.18 -3.13
CA ALA B 36 11.80 -14.88 -3.11
C ALA B 36 11.75 -16.08 -4.06
N VAL B 37 12.49 -16.04 -5.17
CA VAL B 37 12.41 -17.11 -6.17
C VAL B 37 13.04 -18.40 -5.65
N GLY B 38 14.05 -18.26 -4.81
CA GLY B 38 14.80 -19.41 -4.35
C GLY B 38 16.02 -19.65 -5.22
N ALA B 39 16.83 -20.60 -4.79
CA ALA B 39 18.07 -20.90 -5.51
C ALA B 39 17.78 -21.41 -6.91
N VAL B 40 18.53 -20.90 -7.87
CA VAL B 40 18.36 -21.23 -9.27
C VAL B 40 19.66 -21.85 -9.75
N MET B 41 19.57 -22.91 -10.55
CA MET B 41 20.80 -23.57 -10.98
C MET B 41 21.48 -22.73 -12.05
N GLY B 42 22.66 -22.18 -11.71
CA GLY B 42 23.35 -21.20 -12.53
C GLY B 42 23.20 -19.76 -12.07
N GLY B 43 22.42 -19.51 -11.03
CA GLY B 43 22.31 -18.19 -10.46
C GLY B 43 21.20 -17.32 -11.03
N PRO B 44 21.11 -16.09 -10.51
CA PRO B 44 19.95 -15.23 -10.87
C PRO B 44 19.83 -14.90 -12.36
N ASN B 45 20.95 -14.86 -13.11
CA ASN B 45 20.84 -14.63 -14.54
C ASN B 45 19.97 -15.66 -15.23
N VAL B 46 19.93 -16.89 -14.71
CA VAL B 46 19.09 -17.91 -15.33
C VAL B 46 17.62 -17.52 -15.27
N ILE B 47 17.22 -16.75 -14.26
CA ILE B 47 15.84 -16.24 -14.25
C ILE B 47 15.59 -15.45 -15.52
N LEU B 48 16.53 -14.57 -15.88
CA LEU B 48 16.32 -13.74 -17.06
C LEU B 48 16.40 -14.56 -18.35
N GLN B 49 17.31 -15.53 -18.39
CA GLN B 49 17.43 -16.35 -19.59
C GLN B 49 16.17 -17.18 -19.80
N ALA B 50 15.65 -17.77 -18.71
CA ALA B 50 14.40 -18.50 -18.79
C ALA B 50 13.26 -17.60 -19.27
N LEU B 51 13.16 -16.39 -18.71
CA LEU B 51 12.07 -15.50 -19.13
C LEU B 51 12.19 -15.11 -20.60
N MET B 52 13.42 -14.84 -21.06
CA MET B 52 13.62 -14.46 -22.45
C MET B 52 13.40 -15.64 -23.37
N ASP B 53 13.70 -16.84 -22.89
CA ASP B 53 13.39 -18.05 -23.65
C ASP B 53 11.87 -18.17 -23.88
N ALA B 54 11.08 -18.00 -22.82
CA ALA B 54 9.63 -18.04 -22.97
C ALA B 54 9.14 -16.90 -23.86
N LEU B 55 9.72 -15.72 -23.72
CA LEU B 55 9.32 -14.58 -24.57
C LEU B 55 9.81 -14.73 -26.01
N THR B 56 10.86 -15.52 -26.25
CA THR B 56 11.61 -15.64 -27.52
C THR B 56 12.30 -14.33 -27.88
N PRO B 57 13.17 -14.31 -28.91
CA PRO B 57 13.79 -13.05 -29.34
C PRO B 57 12.81 -12.01 -29.87
N ASP B 58 11.60 -12.40 -30.26
CA ASP B 58 10.56 -11.45 -30.67
C ASP B 58 9.93 -10.72 -29.50
N GLY B 59 10.13 -11.21 -28.28
CA GLY B 59 9.62 -10.56 -27.10
C GLY B 59 10.59 -9.52 -26.57
N THR B 60 10.12 -8.79 -25.55
CA THR B 60 10.87 -7.66 -25.02
C THR B 60 10.79 -7.72 -23.50
N LEU B 61 11.92 -7.49 -22.84
CA LEU B 61 11.98 -7.51 -21.39
C LEU B 61 12.55 -6.18 -20.89
N MET B 62 11.81 -5.52 -20.02
CA MET B 62 12.16 -4.24 -19.40
C MET B 62 12.18 -4.34 -17.88
N MET B 63 13.07 -3.57 -17.26
CA MET B 63 13.02 -3.35 -15.82
C MET B 63 13.37 -1.90 -15.50
N TYR B 64 12.90 -1.49 -14.35
CA TYR B 64 13.24 -0.18 -13.83
C TYR B 64 14.67 -0.23 -13.30
N ALA B 65 15.49 0.73 -13.68
CA ALA B 65 16.83 0.84 -13.12
C ALA B 65 17.02 2.07 -12.26
N GLY B 66 16.54 3.22 -12.70
CA GLY B 66 16.83 4.47 -12.00
C GLY B 66 18.34 4.70 -11.94
N TRP B 67 18.77 5.39 -10.88
CA TRP B 67 20.18 5.74 -10.69
C TRP B 67 20.43 5.80 -9.19
N GLN B 68 21.07 4.76 -8.68
CA GLN B 68 21.37 4.68 -7.26
C GLN B 68 22.03 5.95 -6.72
N ASP B 69 22.92 6.54 -7.49
CA ASP B 69 23.75 7.62 -6.98
C ASP B 69 23.26 9.00 -7.37
N ILE B 70 21.99 9.12 -7.78
CA ILE B 70 21.48 10.43 -8.19
C ILE B 70 21.65 11.43 -7.04
N PRO B 71 22.34 12.55 -7.28
CA PRO B 71 22.54 13.55 -6.21
C PRO B 71 21.44 14.61 -6.19
N ASP B 72 20.17 14.16 -6.12
CA ASP B 72 19.06 15.09 -6.12
C ASP B 72 18.87 15.80 -4.79
N PHE B 73 19.62 15.40 -3.76
CA PHE B 73 19.53 15.91 -2.40
C PHE B 73 20.51 17.03 -2.08
N ILE B 74 21.27 17.54 -3.05
CA ILE B 74 22.41 18.42 -2.72
C ILE B 74 21.97 19.72 -2.03
N ASP B 75 20.79 20.24 -2.35
CA ASP B 75 20.34 21.47 -1.70
C ASP B 75 20.09 21.31 -0.21
N SER B 76 20.02 20.09 0.31
CA SER B 76 19.80 19.89 1.74
C SER B 76 21.10 19.68 2.51
N LEU B 77 22.25 19.79 1.84
CA LEU B 77 23.59 19.67 2.38
C LEU B 77 24.11 21.04 2.78
N PRO B 78 25.13 21.09 3.64
CA PRO B 78 25.85 22.35 3.85
C PRO B 78 26.31 22.91 2.52
N ASP B 79 26.18 24.24 2.37
CA ASP B 79 26.58 24.90 1.12
C ASP B 79 27.96 24.48 0.67
N ALA B 80 28.90 24.39 1.61
CA ALA B 80 30.27 24.02 1.29
C ALA B 80 30.35 22.63 0.70
N LEU B 81 29.54 21.70 1.21
CA LEU B 81 29.53 20.35 0.66
C LEU B 81 28.83 20.31 -0.70
N LYS B 82 27.70 21.02 -0.82
CA LYS B 82 27.03 21.09 -2.11
C LYS B 82 27.98 21.57 -3.21
N ALA B 83 28.83 22.55 -2.88
CA ALA B 83 29.78 23.07 -3.87
C ALA B 83 30.75 21.98 -4.34
N VAL B 84 31.18 21.10 -3.42
CA VAL B 84 31.99 19.94 -3.80
C VAL B 84 31.21 19.02 -4.72
N TYR B 85 29.96 18.71 -4.36
CA TYR B 85 29.15 17.86 -5.24
C TYR B 85 29.08 18.45 -6.64
N LEU B 86 28.87 19.76 -6.73
CA LEU B 86 28.65 20.37 -8.03
C LEU B 86 29.90 20.33 -8.89
N GLU B 87 31.08 20.17 -8.29
CA GLU B 87 32.33 20.07 -9.03
C GLU B 87 32.73 18.63 -9.29
N GLN B 88 32.50 17.73 -8.33
CA GLN B 88 33.13 16.41 -8.32
C GLN B 88 32.18 15.23 -8.53
N HIS B 89 30.87 15.38 -8.29
CA HIS B 89 29.97 14.24 -8.50
C HIS B 89 29.85 13.93 -10.00
N PRO B 90 29.95 12.68 -10.41
CA PRO B 90 29.91 12.36 -11.83
C PRO B 90 28.50 12.49 -12.37
N PRO B 91 28.35 12.71 -13.69
CA PRO B 91 27.02 12.79 -14.27
C PRO B 91 26.43 11.41 -14.44
N PHE B 92 25.14 11.38 -14.75
CA PHE B 92 24.48 10.13 -15.12
C PHE B 92 25.08 9.66 -16.44
N ASP B 93 25.66 8.45 -16.43
CA ASP B 93 26.17 7.81 -17.64
C ASP B 93 25.42 6.50 -17.81
N PRO B 94 24.55 6.37 -18.83
CA PRO B 94 23.73 5.15 -18.94
C PRO B 94 24.55 3.88 -19.03
N ALA B 95 25.79 3.95 -19.52
CA ALA B 95 26.61 2.75 -19.64
C ALA B 95 27.00 2.19 -18.29
N THR B 96 27.33 3.06 -17.32
CA THR B 96 27.90 2.59 -16.07
C THR B 96 27.11 2.98 -14.82
N ALA B 97 26.06 3.80 -14.94
CA ALA B 97 25.26 4.17 -13.77
C ALA B 97 24.61 2.92 -13.18
N ARG B 98 24.79 2.69 -11.87
CA ARG B 98 24.17 1.52 -11.28
C ARG B 98 22.71 1.78 -10.95
N ALA B 99 21.91 0.72 -11.02
CA ALA B 99 20.50 0.79 -10.70
C ALA B 99 20.31 0.97 -9.20
N VAL B 100 19.12 1.42 -8.80
CA VAL B 100 18.80 1.59 -7.39
C VAL B 100 18.92 0.24 -6.67
N ARG B 101 19.21 0.28 -5.37
CA ARG B 101 19.64 -0.95 -4.69
C ARG B 101 18.51 -1.95 -4.47
N GLU B 102 17.29 -1.50 -4.24
CA GLU B 102 16.21 -2.40 -3.83
C GLU B 102 15.61 -3.14 -5.03
N ASN B 103 15.45 -4.46 -4.88
CA ASN B 103 14.88 -5.34 -5.90
C ASN B 103 15.48 -5.09 -7.28
N SER B 104 16.81 -5.08 -7.34
CA SER B 104 17.40 -4.70 -8.62
C SER B 104 18.56 -5.58 -9.04
N VAL B 105 18.80 -6.72 -8.36
CA VAL B 105 19.83 -7.65 -8.81
C VAL B 105 19.64 -8.00 -10.28
N LEU B 106 18.40 -8.24 -10.70
CA LEU B 106 18.19 -8.64 -12.08
C LEU B 106 18.38 -7.48 -13.04
N ALA B 107 18.02 -6.25 -12.62
CA ALA B 107 18.27 -5.09 -13.48
C ALA B 107 19.76 -4.89 -13.73
N GLU B 108 20.58 -5.13 -12.70
CA GLU B 108 22.03 -5.02 -12.90
C GLU B 108 22.53 -6.13 -13.79
N PHE B 109 21.97 -7.33 -13.66
CA PHE B 109 22.33 -8.41 -14.57
C PHE B 109 22.00 -8.03 -16.01
N LEU B 110 20.80 -7.50 -16.22
CA LEU B 110 20.35 -7.11 -17.56
C LEU B 110 21.27 -6.07 -18.18
N ARG B 111 21.93 -5.23 -17.37
CA ARG B 111 22.84 -4.23 -17.91
C ARG B 111 24.10 -4.81 -18.53
N THR B 112 24.39 -6.10 -18.31
CA THR B 112 25.52 -6.74 -18.96
C THR B 112 25.10 -7.60 -20.14
N TRP B 113 23.80 -7.67 -20.43
CA TRP B 113 23.38 -8.42 -21.60
C TRP B 113 23.88 -7.71 -22.85
N PRO B 114 24.35 -8.43 -23.85
CA PRO B 114 24.57 -7.81 -25.15
C PRO B 114 23.27 -7.16 -25.60
N CYS B 115 23.41 -6.01 -26.26
CA CYS B 115 22.31 -5.31 -26.92
C CYS B 115 21.25 -4.78 -25.95
N VAL B 116 21.58 -4.62 -24.67
CA VAL B 116 20.67 -3.94 -23.74
C VAL B 116 20.59 -2.45 -24.10
N HIS B 117 19.42 -1.86 -23.90
CA HIS B 117 19.20 -0.44 -24.10
C HIS B 117 18.79 0.19 -22.78
N ARG B 118 19.21 1.43 -22.55
CA ARG B 118 18.88 2.11 -21.32
C ARG B 118 18.37 3.51 -21.65
N SER B 119 17.26 3.91 -21.02
CA SER B 119 16.65 5.19 -21.31
C SER B 119 17.39 6.32 -20.58
N ALA B 120 17.17 7.54 -21.07
CA ALA B 120 18.06 8.66 -20.75
C ALA B 120 17.67 9.40 -19.48
N ASN B 121 16.47 9.18 -18.98
CA ASN B 121 16.03 9.87 -17.77
C ASN B 121 16.73 9.25 -16.57
N PRO B 122 17.64 9.95 -15.88
CA PRO B 122 18.42 9.34 -14.80
C PRO B 122 17.56 8.69 -13.72
N GLU B 123 16.67 9.49 -13.12
CA GLU B 123 15.87 9.01 -12.00
C GLU B 123 14.92 7.88 -12.43
N ALA B 124 14.40 7.97 -13.65
CA ALA B 124 13.35 7.08 -14.12
C ALA B 124 13.90 6.05 -15.10
N SER B 125 15.23 5.91 -15.17
CA SER B 125 15.86 5.09 -16.18
C SER B 125 15.34 3.66 -16.17
N MET B 126 15.14 3.14 -17.39
CA MET B 126 14.66 1.77 -17.62
C MET B 126 15.70 1.05 -18.47
N VAL B 127 15.85 -0.27 -18.25
CA VAL B 127 16.73 -1.06 -19.11
C VAL B 127 15.86 -2.09 -19.83
N ALA B 128 16.25 -2.44 -21.06
CA ALA B 128 15.44 -3.39 -21.81
C ALA B 128 16.28 -4.16 -22.84
N VAL B 129 15.84 -5.40 -23.09
CA VAL B 129 16.44 -6.24 -24.12
C VAL B 129 15.29 -6.83 -24.95
N GLY B 130 15.61 -7.21 -26.18
CA GLY B 130 14.66 -7.85 -27.07
C GLY B 130 14.19 -6.93 -28.19
N ARG B 131 13.14 -7.40 -28.88
CA ARG B 131 12.75 -6.82 -30.17
C ARG B 131 12.42 -5.34 -30.07
N GLN B 132 11.67 -4.94 -29.04
CA GLN B 132 11.21 -3.56 -28.93
C GLN B 132 11.98 -2.78 -27.86
N ALA B 133 13.18 -3.23 -27.51
CA ALA B 133 13.93 -2.57 -26.43
C ALA B 133 14.28 -1.12 -26.80
N ALA B 134 14.67 -0.87 -28.06
CA ALA B 134 14.98 0.50 -28.49
C ALA B 134 13.72 1.37 -28.48
N LEU B 135 12.62 0.84 -29.04
CA LEU B 135 11.36 1.56 -29.02
C LEU B 135 11.00 2.00 -27.60
N LEU B 136 11.06 1.06 -26.65
CA LEU B 136 10.61 1.36 -25.30
C LEU B 136 11.49 2.40 -24.61
N THR B 137 12.82 2.33 -24.83
CA THR B 137 13.73 3.19 -24.09
C THR B 137 14.07 4.50 -24.80
N ALA B 138 13.62 4.68 -26.04
CA ALA B 138 13.99 5.86 -26.81
C ALA B 138 13.27 7.12 -26.34
N ASN B 139 13.98 8.25 -26.43
CA ASN B 139 13.43 9.60 -26.21
C ASN B 139 12.62 9.71 -24.92
N HIS B 140 13.19 9.15 -23.85
CA HIS B 140 12.62 9.25 -22.51
C HIS B 140 12.86 10.67 -22.00
N ALA B 141 11.80 11.47 -21.95
CA ALA B 141 11.91 12.87 -21.53
C ALA B 141 12.44 12.97 -20.10
N LEU B 142 13.25 14.01 -19.87
CA LEU B 142 13.85 14.26 -18.56
C LEU B 142 12.80 14.74 -17.55
N ASP B 143 11.90 15.63 -17.97
CA ASP B 143 10.81 16.08 -17.11
C ASP B 143 9.62 15.13 -17.22
N TYR B 144 8.93 14.92 -16.10
CA TYR B 144 7.76 14.04 -16.06
C TYR B 144 8.08 12.67 -16.68
N GLY B 145 9.09 12.03 -16.09
CA GLY B 145 9.66 10.78 -16.59
C GLY B 145 8.74 9.58 -16.55
N TYR B 146 7.59 9.67 -15.90
CA TYR B 146 6.62 8.57 -15.92
C TYR B 146 5.38 8.92 -16.74
N GLY B 147 5.46 9.97 -17.56
CA GLY B 147 4.32 10.57 -18.26
C GLY B 147 4.17 10.09 -19.70
N VAL B 148 3.87 11.01 -20.60
CA VAL B 148 3.49 10.64 -21.96
C VAL B 148 4.70 10.25 -22.80
N GLU B 149 5.87 10.84 -22.55
CA GLU B 149 7.09 10.53 -23.28
C GLU B 149 7.99 9.62 -22.44
N SER B 150 7.52 8.39 -22.23
CA SER B 150 8.19 7.53 -21.28
C SER B 150 8.07 6.07 -21.74
N PRO B 151 8.94 5.19 -21.24
CA PRO B 151 8.80 3.76 -21.57
C PRO B 151 7.49 3.16 -21.08
N LEU B 152 6.94 3.71 -20.00
CA LEU B 152 5.66 3.24 -19.48
C LEU B 152 4.52 3.55 -20.44
N ALA B 153 4.48 4.78 -20.96
CA ALA B 153 3.49 5.14 -21.97
C ALA B 153 3.58 4.19 -23.15
N LYS B 154 4.79 3.88 -23.58
CA LYS B 154 4.95 3.01 -24.74
C LYS B 154 4.56 1.58 -24.43
N LEU B 155 4.91 1.10 -23.23
CA LEU B 155 4.52 -0.25 -22.81
C LEU B 155 3.02 -0.43 -22.90
N VAL B 156 2.26 0.57 -22.41
CA VAL B 156 0.81 0.57 -22.55
C VAL B 156 0.40 0.58 -24.02
N ALA B 157 1.06 1.41 -24.84
CA ALA B 157 0.69 1.53 -26.25
C ALA B 157 0.87 0.23 -27.01
N ILE B 158 1.91 -0.55 -26.70
CA ILE B 158 2.16 -1.81 -27.40
C ILE B 158 1.53 -2.98 -26.66
N GLU B 159 0.62 -2.71 -25.71
CA GLU B 159 -0.15 -3.75 -25.04
C GLU B 159 0.76 -4.76 -24.34
N GLY B 160 1.73 -4.23 -23.60
CA GLY B 160 2.64 -5.05 -22.84
C GLY B 160 2.04 -5.49 -21.52
N TYR B 161 2.92 -6.04 -20.67
CA TYR B 161 2.53 -6.68 -19.43
C TYR B 161 3.47 -6.26 -18.31
N VAL B 162 2.99 -6.37 -17.08
CA VAL B 162 3.81 -6.25 -15.87
C VAL B 162 3.84 -7.63 -15.20
N LEU B 163 5.05 -8.13 -14.93
CA LEU B 163 5.21 -9.41 -14.22
C LEU B 163 5.82 -9.16 -12.85
N MET B 164 5.11 -9.56 -11.81
CA MET B 164 5.53 -9.41 -10.43
C MET B 164 6.13 -10.76 -10.02
N LEU B 165 7.41 -10.79 -9.71
CA LEU B 165 8.08 -12.07 -9.44
C LEU B 165 8.58 -12.07 -8.00
N GLY B 166 7.66 -12.21 -7.05
CA GLY B 166 8.01 -12.14 -5.65
C GLY B 166 8.26 -10.73 -5.14
N ALA B 167 8.21 -9.72 -6.00
CA ALA B 167 8.37 -8.34 -5.55
C ALA B 167 7.05 -7.80 -5.00
N PRO B 168 7.11 -6.85 -4.06
CA PRO B 168 5.88 -6.35 -3.43
C PRO B 168 5.02 -5.57 -4.41
N LEU B 169 3.69 -5.69 -4.23
CA LEU B 169 2.73 -5.02 -5.11
C LEU B 169 2.84 -3.51 -5.05
N ASP B 170 3.40 -2.97 -3.97
CA ASP B 170 3.64 -1.53 -3.84
CA ASP B 170 3.63 -1.54 -3.84
C ASP B 170 4.71 -1.01 -4.78
N THR B 171 5.54 -1.89 -5.36
CA THR B 171 6.67 -1.46 -6.18
C THR B 171 6.37 -1.39 -7.69
N ILE B 172 5.11 -1.46 -8.11
CA ILE B 172 4.79 -1.38 -9.54
C ILE B 172 5.01 0.02 -10.10
N THR B 173 6.12 0.21 -10.80
CA THR B 173 6.44 1.53 -11.35
C THR B 173 5.36 2.05 -12.30
N LEU B 174 4.67 1.16 -13.03
CA LEU B 174 3.62 1.57 -13.97
C LEU B 174 2.54 2.44 -13.32
N LEU B 175 2.26 2.21 -12.04
CA LEU B 175 1.25 3.00 -11.35
C LEU B 175 1.64 4.47 -11.19
N HIS B 176 2.94 4.83 -11.32
CA HIS B 176 3.29 6.25 -11.39
C HIS B 176 2.81 6.87 -12.71
N HIS B 177 2.75 6.06 -13.77
CA HIS B 177 2.16 6.52 -15.02
C HIS B 177 0.65 6.71 -14.86
N ALA B 178 0.00 5.82 -14.11
CA ALA B 178 -1.40 6.03 -13.77
C ALA B 178 -1.58 7.34 -13.00
N GLU B 179 -0.70 7.60 -12.03
CA GLU B 179 -0.76 8.88 -11.30
C GLU B 179 -0.62 10.06 -12.25
N TYR B 180 0.30 9.97 -13.20
CA TYR B 180 0.49 11.05 -14.16
C TYR B 180 -0.79 11.31 -14.94
N LEU B 181 -1.44 10.24 -15.40
CA LEU B 181 -2.61 10.39 -16.27
C LEU B 181 -3.83 10.86 -15.50
N ALA B 182 -3.96 10.48 -14.23
CA ALA B 182 -5.24 10.65 -13.56
C ALA B 182 -5.52 12.12 -13.29
N LYS B 183 -6.77 12.52 -13.54
CA LYS B 183 -7.22 13.87 -13.18
C LYS B 183 -7.56 13.85 -11.70
N MET B 184 -6.65 14.32 -10.87
CA MET B 184 -6.85 14.34 -9.43
C MET B 184 -6.91 15.77 -8.90
N ARG B 185 -7.42 15.89 -7.67
CA ARG B 185 -7.61 17.20 -7.06
C ARG B 185 -6.27 17.93 -6.89
N HIS B 186 -5.24 17.23 -6.41
CA HIS B 186 -3.92 17.83 -6.26
C HIS B 186 -2.81 16.80 -6.39
N LYS B 187 -1.80 17.14 -7.19
CA LYS B 187 -0.59 16.34 -7.36
C LYS B 187 0.62 17.17 -6.96
N ASN B 188 1.53 16.60 -6.15
CA ASN B 188 2.72 17.33 -5.76
C ASN B 188 3.79 17.29 -6.85
N VAL B 189 4.32 18.47 -7.19
CA VAL B 189 5.39 18.62 -8.18
C VAL B 189 6.71 18.74 -7.44
N VAL B 190 7.75 18.14 -8.00
CA VAL B 190 9.10 18.29 -7.46
C VAL B 190 9.99 18.89 -8.53
N ARG B 191 11.00 19.65 -8.10
CA ARG B 191 12.01 20.19 -9.00
C ARG B 191 13.37 19.95 -8.35
N TYR B 192 14.25 19.24 -9.03
CA TYR B 192 15.47 18.82 -8.36
C TYR B 192 16.65 18.87 -9.33
N PRO B 193 17.87 19.01 -8.81
CA PRO B 193 19.05 19.09 -9.68
C PRO B 193 19.58 17.71 -10.01
N CYS B 194 20.23 17.63 -11.15
CA CYS B 194 20.79 16.38 -11.63
C CYS B 194 21.86 16.65 -12.68
N PRO B 195 23.04 16.05 -12.53
CA PRO B 195 24.05 16.14 -13.58
C PRO B 195 23.89 15.06 -14.65
N ILE B 196 23.96 15.49 -15.90
CA ILE B 196 23.75 14.61 -17.04
C ILE B 196 24.87 14.89 -18.03
N LEU B 197 24.93 14.07 -19.07
CA LEU B 197 25.88 14.24 -20.16
C LEU B 197 25.16 14.93 -21.31
N ARG B 198 25.74 16.01 -21.81
CA ARG B 198 25.22 16.71 -22.99
C ARG B 198 26.41 16.99 -23.90
N ASP B 199 26.42 16.37 -25.08
CA ASP B 199 27.56 16.47 -26.01
C ASP B 199 28.86 16.04 -25.33
N GLY B 200 28.77 15.01 -24.50
CA GLY B 200 29.94 14.48 -23.83
C GLY B 200 30.42 15.29 -22.67
N ARG B 201 29.67 16.31 -22.25
CA ARG B 201 30.05 17.19 -21.15
C ARG B 201 29.04 17.09 -20.03
N LYS B 202 29.53 17.18 -18.79
CA LYS B 202 28.66 17.23 -17.63
C LYS B 202 27.97 18.59 -17.56
N VAL B 203 26.64 18.56 -17.45
CA VAL B 203 25.82 19.74 -17.22
C VAL B 203 24.83 19.40 -16.12
N TRP B 204 24.69 20.30 -15.14
CA TRP B 204 23.67 20.12 -14.10
C TRP B 204 22.39 20.78 -14.58
N VAL B 205 21.27 20.08 -14.45
CA VAL B 205 19.99 20.57 -14.92
C VAL B 205 18.98 20.45 -13.79
N THR B 206 17.87 21.16 -13.97
CA THR B 206 16.73 21.04 -13.07
C THR B 206 15.72 20.11 -13.72
N VAL B 207 15.39 19.02 -13.03
CA VAL B 207 14.37 18.09 -13.48
C VAL B 207 13.04 18.40 -12.78
N GLU B 208 11.95 18.45 -13.55
CA GLU B 208 10.61 18.63 -13.01
C GLU B 208 9.81 17.35 -13.16
N ASP B 209 9.06 17.00 -12.13
CA ASP B 209 8.34 15.73 -12.14
C ASP B 209 7.24 15.81 -11.09
N TYR B 210 6.27 14.91 -11.22
CA TYR B 210 5.43 14.60 -10.08
C TYR B 210 6.28 13.85 -9.05
N ASP B 211 6.07 14.16 -7.77
CA ASP B 211 6.66 13.39 -6.69
C ASP B 211 6.33 11.92 -6.87
N THR B 212 7.34 11.07 -6.76
CA THR B 212 7.12 9.62 -6.81
C THR B 212 7.53 8.94 -5.50
N GLY B 213 7.88 9.72 -4.48
CA GLY B 213 8.31 9.18 -3.21
C GLY B 213 7.15 8.97 -2.25
N ASP B 214 6.15 9.83 -2.33
CA ASP B 214 4.92 9.73 -1.57
C ASP B 214 3.72 9.86 -2.51
N PRO B 215 2.60 9.23 -2.17
CA PRO B 215 1.39 9.38 -3.00
C PRO B 215 0.82 10.78 -2.89
N HIS B 216 0.04 11.15 -3.89
CA HIS B 216 -0.54 12.50 -3.94
C HIS B 216 -1.82 12.64 -3.13
N ASP B 217 -2.30 11.56 -2.52
CA ASP B 217 -3.54 11.60 -1.76
C ASP B 217 -3.53 10.37 -0.86
N ASP B 218 -4.70 10.04 -0.28
CA ASP B 218 -4.83 8.98 0.72
C ASP B 218 -4.94 7.61 0.06
N TYR B 219 -3.85 7.18 -0.57
CA TYR B 219 -3.83 5.88 -1.20
C TYR B 219 -2.43 5.29 -1.11
N SER B 220 -2.35 3.99 -1.39
CA SER B 220 -1.07 3.32 -1.60
C SER B 220 -1.16 2.47 -2.86
N PHE B 221 0.00 2.21 -3.45
CA PHE B 221 0.02 1.35 -4.64
C PHE B 221 -0.40 -0.08 -4.28
N GLU B 222 -0.02 -0.55 -3.09
N GLU B 222 0.02 -0.57 -3.11
CA GLU B 222 -0.46 -1.87 -2.66
CA GLU B 222 -0.45 -1.86 -2.63
C GLU B 222 -1.98 -1.95 -2.61
C GLU B 222 -1.98 -1.94 -2.63
N GLN B 223 -2.62 -0.90 -2.13
CA GLN B 223 -4.08 -0.90 -2.03
C GLN B 223 -4.72 -0.99 -3.41
N ILE B 224 -4.20 -0.22 -4.38
CA ILE B 224 -4.73 -0.24 -5.75
C ILE B 224 -4.56 -1.60 -6.39
N ALA B 225 -3.34 -2.14 -6.31
CA ALA B 225 -3.06 -3.43 -6.94
C ALA B 225 -3.83 -4.55 -6.27
N ARG B 226 -3.99 -4.49 -4.94
CA ARG B 226 -4.82 -5.47 -4.24
C ARG B 226 -6.27 -5.39 -4.68
N ASP B 227 -6.81 -4.18 -4.84
CA ASP B 227 -8.16 -4.04 -5.37
C ASP B 227 -8.25 -4.58 -6.80
N TYR B 228 -7.19 -4.38 -7.60
CA TYR B 228 -7.19 -4.84 -8.97
C TYR B 228 -7.31 -6.36 -9.00
N VAL B 229 -6.44 -7.03 -8.25
CA VAL B 229 -6.45 -8.49 -8.17
C VAL B 229 -7.80 -8.99 -7.66
N ALA B 230 -8.36 -8.30 -6.66
CA ALA B 230 -9.60 -8.78 -6.04
C ALA B 230 -10.78 -8.74 -7.00
N GLN B 231 -10.81 -7.78 -7.92
CA GLN B 231 -11.88 -7.73 -8.90
C GLN B 231 -11.56 -8.55 -10.15
N GLY B 232 -10.60 -9.48 -10.05
CA GLY B 232 -10.29 -10.39 -11.12
C GLY B 232 -9.15 -9.99 -12.03
N GLY B 233 -8.40 -8.95 -11.69
CA GLY B 233 -7.34 -8.47 -12.58
C GLY B 233 -6.12 -9.37 -12.54
N GLY B 234 -5.61 -9.72 -13.73
CA GLY B 234 -4.36 -10.44 -13.86
C GLY B 234 -4.50 -11.92 -13.55
N THR B 235 -3.38 -12.64 -13.73
CA THR B 235 -3.25 -14.03 -13.31
C THR B 235 -2.20 -14.13 -12.20
N ARG B 236 -2.28 -15.24 -11.46
CA ARG B 236 -1.41 -15.50 -10.32
C ARG B 236 -0.90 -16.93 -10.41
N GLY B 237 0.26 -17.19 -9.82
CA GLY B 237 0.81 -18.53 -9.81
C GLY B 237 2.20 -18.50 -9.24
N LYS B 238 2.76 -19.70 -9.03
CA LYS B 238 4.09 -19.80 -8.43
C LYS B 238 5.13 -19.87 -9.54
N VAL B 239 6.25 -19.17 -9.33
CA VAL B 239 7.43 -19.27 -10.20
C VAL B 239 8.62 -19.55 -9.30
N GLY B 240 9.18 -20.76 -9.38
CA GLY B 240 10.16 -21.15 -8.39
C GLY B 240 9.46 -21.12 -7.04
N ASP B 241 10.08 -20.49 -6.04
CA ASP B 241 9.42 -20.34 -4.75
C ASP B 241 8.62 -19.04 -4.62
N ALA B 242 8.51 -18.24 -5.68
CA ALA B 242 7.91 -16.91 -5.58
C ALA B 242 6.45 -16.88 -5.98
N ASP B 243 5.65 -16.12 -5.23
CA ASP B 243 4.32 -15.69 -5.66
C ASP B 243 4.44 -14.75 -6.85
N ALA B 244 3.85 -15.13 -7.98
CA ALA B 244 3.94 -14.32 -9.18
C ALA B 244 2.56 -13.83 -9.61
N TYR B 245 2.56 -12.64 -10.23
CA TYR B 245 1.37 -12.01 -10.79
C TYR B 245 1.73 -11.53 -12.18
N LEU B 246 0.80 -11.66 -13.11
CA LEU B 246 0.96 -11.14 -14.46
C LEU B 246 -0.24 -10.25 -14.80
N PHE B 247 0.03 -8.97 -15.10
CA PHE B 247 -0.99 -7.98 -15.40
C PHE B 247 -0.83 -7.46 -16.82
N ALA B 248 -1.94 -7.19 -17.48
CA ALA B 248 -1.92 -6.45 -18.73
C ALA B 248 -1.73 -4.97 -18.42
N ALA B 249 -0.70 -4.37 -19.01
CA ALA B 249 -0.36 -2.96 -18.73
C ALA B 249 -1.50 -2.00 -19.08
N GLN B 250 -2.19 -2.23 -20.19
CA GLN B 250 -3.30 -1.35 -20.58
CA GLN B 250 -3.30 -1.36 -20.58
C GLN B 250 -4.45 -1.44 -19.56
N ASP B 251 -4.85 -2.66 -19.21
CA ASP B 251 -5.98 -2.81 -18.30
C ASP B 251 -5.65 -2.32 -16.89
N LEU B 252 -4.44 -2.59 -16.39
CA LEU B 252 -4.08 -2.12 -15.07
C LEU B 252 -4.02 -0.59 -15.01
N THR B 253 -3.46 0.03 -16.06
CA THR B 253 -3.43 1.49 -16.12
C THR B 253 -4.84 2.07 -16.14
N ARG B 254 -5.73 1.50 -16.97
CA ARG B 254 -7.11 1.98 -17.02
C ARG B 254 -7.78 1.83 -15.67
N PHE B 255 -7.61 0.67 -15.03
CA PHE B 255 -8.20 0.44 -13.72
C PHE B 255 -7.65 1.44 -12.71
N ALA B 256 -6.32 1.66 -12.70
CA ALA B 256 -5.72 2.52 -11.69
C ALA B 256 -6.12 3.98 -11.89
N VAL B 257 -6.22 4.43 -13.15
CA VAL B 257 -6.66 5.81 -13.40
C VAL B 257 -8.08 6.00 -12.91
N GLN B 258 -8.96 5.05 -13.24
CA GLN B 258 -10.35 5.12 -12.76
C GLN B 258 -10.40 5.12 -11.24
N TRP B 259 -9.59 4.27 -10.63
CA TRP B 259 -9.56 4.15 -9.18
C TRP B 259 -9.21 5.48 -8.53
N LEU B 260 -8.15 6.10 -9.03
CA LEU B 260 -7.70 7.39 -8.52
C LEU B 260 -8.75 8.48 -8.76
N GLU B 261 -9.32 8.53 -9.98
CA GLU B 261 -10.23 9.63 -10.31
C GLU B 261 -11.55 9.51 -9.55
N SER B 262 -12.04 8.30 -9.32
CA SER B 262 -13.30 8.19 -8.61
C SER B 262 -13.15 8.50 -7.13
N ARG B 263 -11.94 8.40 -6.58
CA ARG B 263 -11.71 8.66 -5.17
C ARG B 263 -11.16 10.05 -4.86
N PHE B 264 -10.31 10.59 -5.73
CA PHE B 264 -9.59 11.82 -5.45
C PHE B 264 -9.74 12.85 -6.56
N GLY B 265 -10.81 12.79 -7.33
CA GLY B 265 -10.98 13.74 -8.41
C GLY B 265 -11.49 15.07 -7.90
N ASP B 266 -11.46 16.06 -8.78
CA ASP B 266 -12.03 17.35 -8.43
C ASP B 266 -13.39 17.55 -9.11
C1 GOL C . -32.79 10.34 13.56
O1 GOL C . -33.95 11.15 13.62
C2 GOL C . -31.93 10.85 12.36
O2 GOL C . -31.82 12.25 12.36
C3 GOL C . -30.56 10.15 12.53
O3 GOL C . -29.78 10.49 11.41
C1 GOL D . -2.31 13.60 26.35
O1 GOL D . -2.64 12.38 26.98
C2 GOL D . -0.84 13.96 26.70
O2 GOL D . -0.16 14.49 25.61
C3 GOL D . -0.95 14.97 27.87
O3 GOL D . -1.62 16.12 27.37
C6 8I5 E . -7.50 12.00 10.25
C14 8I5 E . -2.58 14.72 4.73
C15 8I5 E . -2.82 13.35 4.09
C16 8I5 E . -4.16 12.97 4.69
C10 8I5 E . -5.53 15.80 8.45
O11 8I5 E . -3.97 15.05 6.68
C12 8I5 E . -3.26 16.87 8.08
C13 8I5 E . -3.95 15.17 5.25
O1 8I5 E . -6.76 15.41 7.83
CH3 8I5 E . -7.13 17.68 11.33
C1 8I5 E . -6.79 14.10 7.25
C11 8I5 E . -4.46 16.19 7.41
C17 8I5 E . -4.97 11.90 3.95
C18 8I5 E . -1.56 11.36 3.53
C19 8I5 E . -1.45 10.04 4.34
C2 8I5 E . -8.07 13.98 6.42
C20 8I5 E . -0.15 9.25 4.19
C21 8I5 E . 0.61 9.57 2.90
C22 8I5 E . 0.80 11.07 2.80
C23 8I5 E . 1.54 11.67 4.00
C3 8I5 E . -9.30 13.73 7.30
C4 8I5 E . -9.04 12.64 8.35
C5 8I5 E . -7.78 13.00 9.14
C7 8I5 E . -3.69 18.05 8.95
C8 8I5 E . -4.63 17.56 10.04
C9 8I5 E . -5.88 16.98 9.38
N19 8I5 E . 2.90 11.11 4.13
N2 8I5 E . -7.93 12.93 5.40
N23 8I5 E . -2.61 9.14 4.06
N6 8I5 E . -7.52 12.73 11.53
N7 8I5 E . -2.52 18.72 9.57
N9 8I5 E . -6.85 16.56 10.42
O12 8I5 E . -2.33 17.30 7.08
O14 8I5 E . -2.05 15.65 3.78
O16 8I5 E . -4.86 14.21 4.73
O17 8I5 E . -4.94 10.72 4.78
O18 8I5 E . -1.75 12.46 4.44
O20 8I5 E . -0.42 7.84 4.26
O21 8I5 E . 1.88 8.89 2.87
O22 8I5 E . -0.49 11.68 2.61
O3 8I5 E . -10.42 13.36 6.48
O4 8I5 E . -10.16 12.54 9.24
O5 8I5 E . -6.66 13.07 8.26
C1 GOL F . -16.24 26.37 16.14
O1 GOL F . -15.83 27.51 15.49
C2 GOL F . -16.05 26.63 17.65
O2 GOL F . -15.52 27.87 17.91
C3 GOL F . -15.10 25.53 18.09
O3 GOL F . -15.81 24.36 17.90
C1 PEG G . -5.59 7.37 8.85
O1 PEG G . -5.47 6.25 9.70
C2 PEG G . -4.69 7.25 7.65
O2 PEG G . -5.46 7.01 6.47
C3 PEG G . -5.06 5.85 5.76
C4 PEG G . -5.75 4.65 6.32
O4 PEG G . -4.84 3.69 6.84
C ACT H . 2.77 9.11 25.84
O ACT H . 4.02 8.83 25.81
OXT ACT H . 2.13 10.03 25.23
CH3 ACT H . 1.88 8.21 26.78
CL CL I . -14.47 -3.63 2.35
C1 GOL J . 2.35 4.67 -2.77
O1 GOL J . 2.20 3.30 -2.53
C2 GOL J . 3.76 4.89 -3.45
O2 GOL J . 4.79 5.00 -2.53
C3 GOL J . 3.61 6.20 -4.19
O3 GOL J . 4.85 6.80 -4.04
C1 GOL K . 3.98 8.60 -28.49
O1 GOL K . 3.73 9.82 -29.15
C2 GOL K . 4.98 8.88 -27.33
O2 GOL K . 6.25 9.25 -27.82
C3 GOL K . 4.99 7.55 -26.48
O3 GOL K . 5.81 7.74 -25.32
C1 GOL L . 15.17 7.73 -6.88
O1 GOL L . 16.37 7.54 -6.21
C2 GOL L . 14.43 8.96 -6.24
O2 GOL L . 13.05 8.80 -6.23
C3 GOL L . 14.99 9.14 -4.79
O3 GOL L . 16.12 9.94 -4.89
C1 PEG M . 17.41 3.29 -26.88
O1 PEG M . 16.85 3.95 -28.00
C2 PEG M . 17.94 4.26 -25.84
O2 PEG M . 19.35 4.06 -25.62
C3 PEG M . 19.82 2.75 -25.96
C4 PEG M . 21.25 2.57 -25.52
O4 PEG M . 21.33 2.18 -24.15
C1 GOL N . 10.48 12.70 -8.56
O1 GOL N . 9.52 11.73 -8.80
C2 GOL N . 11.07 12.57 -7.11
O2 GOL N . 10.12 12.09 -6.19
C3 GOL N . 12.32 11.66 -7.29
O3 GOL N . 13.49 12.37 -6.84
CL CL O . 16.42 -8.71 -6.09
#